data_5DXW
#
_entry.id   5DXW
#
_cell.length_a   85.191
_cell.length_b   29.679
_cell.length_c   35.268
_cell.angle_alpha   90.00
_cell.angle_beta   90.00
_cell.angle_gamma   90.00
#
_symmetry.space_group_name_H-M   'P 21 21 2'
#
loop_
_entity.id
_entity.type
_entity.pdbx_description
1 polymer 'PD-L1 nanobody'
2 non-polymer 'SULFATE ION'
3 water water
#
_entity_poly.entity_id   1
_entity_poly.type   'polypeptide(L)'
_entity_poly.pdbx_seq_one_letter_code
;MAQVQLVETGGGLVQPGGSLRLSCTASGFTFSMHAMTWYRQAPGKQRELVAVITSHGDRANYTDSVRGRFTISRDNTKNM
VYLQMNSLKPEDTAVYYCNVPRYDSWGQGTQVTVSSGGLPETGGHHHHHH
;
_entity_poly.pdbx_strand_id   A
#
# COMPACT_ATOMS: atom_id res chain seq x y z
N GLN A 3 -4.17 2.53 20.54
CA GLN A 3 -4.68 1.62 19.53
C GLN A 3 -3.85 1.75 18.25
N VAL A 4 -3.70 0.64 17.53
CA VAL A 4 -3.06 0.68 16.21
C VAL A 4 -3.89 1.59 15.30
N GLN A 5 -3.22 2.53 14.63
CA GLN A 5 -3.91 3.36 13.66
C GLN A 5 -3.11 3.47 12.37
N LEU A 6 -3.78 3.26 11.25
CA LEU A 6 -3.15 3.36 9.94
C LEU A 6 -3.98 4.32 9.12
N VAL A 7 -3.32 5.28 8.49
CA VAL A 7 -4.02 6.30 7.72
C VAL A 7 -3.41 6.43 6.34
N GLU A 8 -4.17 6.08 5.31
CA GLU A 8 -3.66 6.10 3.94
C GLU A 8 -4.03 7.38 3.21
N THR A 9 -3.11 7.82 2.37
CA THR A 9 -3.40 8.93 1.47
C THR A 9 -2.61 8.79 0.16
N GLY A 10 -2.88 9.67 -0.79
CA GLY A 10 -2.11 9.67 -2.02
C GLY A 10 -2.84 9.14 -3.26
N GLY A 11 -4.06 8.64 -3.07
CA GLY A 11 -4.85 8.17 -4.19
C GLY A 11 -5.20 9.30 -5.16
N GLY A 12 -5.80 8.95 -6.28
CA GLY A 12 -6.20 9.95 -7.25
C GLY A 12 -6.61 9.30 -8.56
N LEU A 13 -6.97 10.16 -9.51
CA LEU A 13 -7.29 9.72 -10.87
C LEU A 13 -6.13 10.02 -11.80
N VAL A 14 -5.65 9.00 -12.50
CA VAL A 14 -4.52 9.17 -13.40
C VAL A 14 -4.78 8.45 -14.72
N GLN A 15 -4.05 8.86 -15.74
CA GLN A 15 -4.15 8.24 -17.06
C GLN A 15 -3.43 6.90 -17.05
N PRO A 16 -3.84 5.98 -17.94
CA PRO A 16 -3.06 4.75 -18.13
C PRO A 16 -1.59 5.07 -18.43
N GLY A 17 -0.69 4.37 -17.74
CA GLY A 17 0.73 4.63 -17.87
C GLY A 17 1.26 5.57 -16.79
N GLY A 18 0.34 6.14 -16.02
CA GLY A 18 0.67 7.17 -15.05
C GLY A 18 1.15 6.63 -13.72
N SER A 19 1.23 7.53 -12.76
CA SER A 19 1.96 7.26 -11.54
C SER A 19 1.30 7.94 -10.33
N LEU A 20 1.29 7.22 -9.20
CA LEU A 20 0.84 7.76 -7.93
C LEU A 20 1.76 7.24 -6.84
N ARG A 21 1.90 8.01 -5.77
CA ARG A 21 2.58 7.52 -4.57
C ARG A 21 1.60 7.47 -3.40
N LEU A 22 1.35 6.27 -2.86
CA LEU A 22 0.50 6.16 -1.69
C LEU A 22 1.35 6.18 -0.44
N SER A 23 0.82 6.80 0.61
N SER A 23 0.82 6.77 0.62
CA SER A 23 1.50 6.83 1.90
CA SER A 23 1.54 6.78 1.90
C SER A 23 0.59 6.22 2.95
C SER A 23 0.63 6.36 3.04
N CYS A 24 1.20 5.61 3.97
CA CYS A 24 0.47 5.10 5.12
C CYS A 24 1.18 5.63 6.36
N THR A 25 0.47 6.41 7.17
CA THR A 25 1.02 6.91 8.41
C THR A 25 0.56 6.00 9.53
N ALA A 26 1.52 5.38 10.22
CA ALA A 26 1.21 4.38 11.24
C ALA A 26 1.49 4.94 12.63
N SER A 27 0.62 4.59 13.58
CA SER A 27 0.87 4.96 14.95
C SER A 27 0.28 3.91 15.89
N GLY A 28 0.72 3.94 17.14
CA GLY A 28 0.14 3.09 18.16
C GLY A 28 0.83 1.77 18.37
N PHE A 29 1.93 1.54 17.66
CA PHE A 29 2.69 0.29 17.81
C PHE A 29 4.16 0.49 17.42
N THR A 30 5.00 -0.49 17.78
CA THR A 30 6.42 -0.41 17.49
C THR A 30 6.71 -0.69 16.01
N PHE A 31 6.32 0.26 15.18
CA PHE A 31 6.38 0.16 13.72
C PHE A 31 7.68 -0.42 13.19
N SER A 32 8.81 0.04 13.72
CA SER A 32 10.12 -0.36 13.20
C SER A 32 10.38 -1.85 13.28
N MET A 33 9.62 -2.54 14.12
CA MET A 33 9.81 -3.98 14.31
C MET A 33 8.71 -4.81 13.67
N HIS A 34 7.87 -4.20 12.84
CA HIS A 34 6.75 -4.90 12.22
C HIS A 34 6.89 -5.00 10.70
N ALA A 35 6.62 -6.17 10.15
CA ALA A 35 6.35 -6.26 8.72
C ALA A 35 5.11 -5.43 8.41
N MET A 36 5.04 -4.88 7.20
CA MET A 36 3.87 -4.13 6.77
C MET A 36 3.43 -4.57 5.39
N THR A 37 2.18 -4.29 5.06
CA THR A 37 1.65 -4.69 3.75
C THR A 37 0.76 -3.60 3.17
N TRP A 38 0.56 -3.70 1.87
CA TRP A 38 -0.55 -3.01 1.19
C TRP A 38 -1.44 -4.08 0.58
N TYR A 39 -2.74 -3.86 0.67
CA TYR A 39 -3.74 -4.66 -0.02
C TYR A 39 -4.55 -3.75 -0.92
N ARG A 40 -5.36 -4.33 -1.78
CA ARG A 40 -6.32 -3.55 -2.55
C ARG A 40 -7.61 -4.31 -2.71
N GLN A 41 -8.69 -3.58 -2.88
CA GLN A 41 -9.98 -4.21 -3.16
C GLN A 41 -10.70 -3.41 -4.22
N ALA A 42 -10.96 -4.07 -5.34
CA ALA A 42 -11.72 -3.49 -6.44
C ALA A 42 -13.18 -3.90 -6.28
N PRO A 43 -14.12 -3.10 -6.82
CA PRO A 43 -15.54 -3.43 -6.72
C PRO A 43 -15.84 -4.79 -7.34
N GLY A 44 -16.64 -5.60 -6.62
CA GLY A 44 -17.04 -6.90 -7.13
C GLY A 44 -15.94 -7.94 -7.05
N LYS A 45 -14.87 -7.64 -6.31
CA LYS A 45 -13.76 -8.57 -6.13
C LYS A 45 -13.32 -8.65 -4.68
N GLN A 46 -12.70 -9.77 -4.33
CA GLN A 46 -12.16 -9.95 -2.99
C GLN A 46 -10.91 -9.09 -2.80
N ARG A 47 -10.62 -8.75 -1.56
CA ARG A 47 -9.40 -8.02 -1.23
C ARG A 47 -8.19 -8.89 -1.56
N GLU A 48 -7.12 -8.28 -2.06
CA GLU A 48 -5.91 -9.03 -2.39
C GLU A 48 -4.65 -8.35 -1.87
N LEU A 49 -3.66 -9.16 -1.48
CA LEU A 49 -2.40 -8.62 -1.01
C LEU A 49 -1.60 -8.15 -2.21
N VAL A 50 -1.12 -6.92 -2.15
CA VAL A 50 -0.34 -6.31 -3.22
C VAL A 50 1.16 -6.43 -2.97
N ALA A 51 1.59 -6.15 -1.74
CA ALA A 51 2.99 -6.18 -1.41
C ALA A 51 3.19 -6.33 0.08
N VAL A 52 4.31 -6.93 0.46
CA VAL A 52 4.69 -7.06 1.87
C VAL A 52 6.14 -6.66 1.98
N ILE A 53 6.50 -6.01 3.08
CA ILE A 53 7.86 -5.54 3.27
C ILE A 53 8.37 -5.89 4.67
N THR A 54 9.65 -6.23 4.76
CA THR A 54 10.29 -6.54 6.03
C THR A 54 10.32 -5.34 6.95
N SER A 55 10.53 -5.58 8.23
CA SER A 55 10.58 -4.50 9.22
C SER A 55 11.70 -3.52 8.89
N HIS A 56 12.87 -4.03 8.49
CA HIS A 56 14.01 -3.17 8.16
C HIS A 56 13.81 -2.41 6.85
N GLY A 57 12.94 -2.93 5.97
CA GLY A 57 12.62 -2.26 4.73
C GLY A 57 13.45 -2.72 3.54
N ASP A 58 14.28 -3.73 3.76
CA ASP A 58 15.24 -4.15 2.74
C ASP A 58 14.73 -5.21 1.76
N ARG A 59 13.67 -5.92 2.12
CA ARG A 59 13.15 -6.97 1.23
C ARG A 59 11.64 -6.90 1.09
N ALA A 60 11.15 -7.15 -0.12
CA ALA A 60 9.72 -7.07 -0.40
C ALA A 60 9.29 -8.20 -1.33
N ASN A 61 8.04 -8.62 -1.17
CA ASN A 61 7.44 -9.58 -2.10
C ASN A 61 6.18 -8.95 -2.67
N TYR A 62 5.88 -9.26 -3.93
CA TYR A 62 4.79 -8.61 -4.66
C TYR A 62 3.85 -9.63 -5.27
N THR A 63 2.58 -9.26 -5.44
CA THR A 63 1.68 -10.10 -6.20
C THR A 63 2.05 -9.99 -7.68
N ASP A 64 1.85 -11.08 -8.43
CA ASP A 64 2.34 -11.16 -9.79
C ASP A 64 1.93 -9.98 -10.69
N SER A 65 0.68 -9.55 -10.57
CA SER A 65 0.14 -8.55 -11.50
C SER A 65 0.77 -7.16 -11.36
N VAL A 66 1.46 -6.89 -10.27
CA VAL A 66 2.05 -5.57 -10.07
C VAL A 66 3.57 -5.59 -10.07
N ARG A 67 4.18 -6.77 -10.18
CA ARG A 67 5.63 -6.87 -10.09
C ARG A 67 6.33 -6.07 -11.19
N GLY A 68 7.33 -5.27 -10.82
CA GLY A 68 8.05 -4.44 -11.76
C GLY A 68 7.40 -3.07 -11.97
N ARG A 69 6.16 -2.90 -11.51
CA ARG A 69 5.45 -1.63 -11.66
C ARG A 69 5.27 -0.92 -10.32
N PHE A 70 4.97 -1.68 -9.28
CA PHE A 70 4.79 -1.10 -7.94
C PHE A 70 6.01 -1.38 -7.05
N THR A 71 6.31 -0.45 -6.16
CA THR A 71 7.41 -0.64 -5.21
C THR A 71 6.92 -0.26 -3.83
N ILE A 72 7.04 -1.19 -2.89
CA ILE A 72 6.75 -0.87 -1.50
C ILE A 72 8.04 -0.46 -0.83
N SER A 73 7.96 0.55 0.03
CA SER A 73 9.12 0.98 0.79
C SER A 73 8.65 1.54 2.13
N ARG A 74 9.60 1.87 3.00
CA ARG A 74 9.21 2.38 4.30
C ARG A 74 10.25 3.35 4.84
N ASP A 75 9.81 4.20 5.77
CA ASP A 75 10.69 5.11 6.48
C ASP A 75 10.43 4.86 7.95
N ASN A 76 11.34 4.17 8.63
CA ASN A 76 11.09 3.80 10.01
C ASN A 76 11.24 4.98 10.97
N THR A 77 11.89 6.05 10.53
CA THR A 77 11.97 7.24 11.37
C THR A 77 10.61 7.94 11.42
N LYS A 78 9.98 8.08 10.25
CA LYS A 78 8.68 8.71 10.16
C LYS A 78 7.52 7.75 10.46
N ASN A 79 7.84 6.46 10.59
CA ASN A 79 6.84 5.41 10.74
C ASN A 79 5.84 5.48 9.58
N MET A 80 6.36 5.48 8.36
N MET A 80 6.38 5.47 8.37
CA MET A 80 5.49 5.49 7.19
CA MET A 80 5.57 5.51 7.15
C MET A 80 5.83 4.37 6.24
C MET A 80 5.83 4.28 6.29
N VAL A 81 4.80 3.83 5.57
CA VAL A 81 4.99 2.85 4.51
C VAL A 81 4.52 3.52 3.24
N TYR A 82 5.18 3.23 2.12
CA TYR A 82 4.81 3.84 0.86
C TYR A 82 4.54 2.78 -0.19
N LEU A 83 3.68 3.10 -1.16
CA LEU A 83 3.54 2.26 -2.33
C LEU A 83 3.66 3.15 -3.55
N GLN A 84 4.79 3.04 -4.24
CA GLN A 84 4.98 3.77 -5.49
C GLN A 84 4.32 2.99 -6.60
N MET A 85 3.35 3.60 -7.26
CA MET A 85 2.59 2.89 -8.28
C MET A 85 2.89 3.51 -9.65
N ASN A 86 3.74 2.84 -10.43
CA ASN A 86 4.13 3.35 -11.74
C ASN A 86 3.49 2.53 -12.85
N SER A 87 3.50 3.08 -14.07
CA SER A 87 2.93 2.39 -15.23
C SER A 87 1.53 1.87 -14.92
N LEU A 88 0.68 2.75 -14.39
CA LEU A 88 -0.65 2.35 -13.92
C LEU A 88 -1.59 1.91 -15.04
N LYS A 89 -2.50 1.00 -14.71
CA LYS A 89 -3.44 0.43 -15.66
C LYS A 89 -4.85 0.48 -15.08
N PRO A 90 -5.88 0.53 -15.93
CA PRO A 90 -7.25 0.51 -15.39
C PRO A 90 -7.53 -0.66 -14.42
N GLU A 91 -6.90 -1.81 -14.66
CA GLU A 91 -7.06 -2.97 -13.78
C GLU A 91 -6.60 -2.71 -12.35
N ASP A 92 -5.78 -1.67 -12.17
CA ASP A 92 -5.27 -1.34 -10.84
C ASP A 92 -6.27 -0.48 -10.05
N THR A 93 -7.36 -0.07 -10.69
CA THR A 93 -8.39 0.69 -9.99
C THR A 93 -8.92 -0.11 -8.79
N ALA A 94 -8.89 0.50 -7.60
CA ALA A 94 -9.30 -0.16 -6.37
C ALA A 94 -9.11 0.80 -5.21
N VAL A 95 -9.66 0.43 -4.06
CA VAL A 95 -9.28 1.08 -2.81
C VAL A 95 -8.04 0.34 -2.30
N TYR A 96 -7.01 1.09 -1.93
CA TYR A 96 -5.76 0.53 -1.43
C TYR A 96 -5.67 0.73 0.07
N TYR A 97 -5.30 -0.34 0.79
CA TYR A 97 -5.29 -0.36 2.24
C TYR A 97 -3.91 -0.72 2.78
N CYS A 98 -3.49 0.02 3.79
CA CYS A 98 -2.30 -0.28 4.56
C CYS A 98 -2.71 -1.30 5.63
N ASN A 99 -1.84 -2.26 5.93
CA ASN A 99 -2.21 -3.33 6.86
C ASN A 99 -1.01 -3.78 7.69
N VAL A 100 -1.25 -4.02 8.98
CA VAL A 100 -0.26 -4.61 9.88
C VAL A 100 -0.57 -6.08 10.05
N PRO A 101 0.22 -6.95 9.41
CA PRO A 101 -0.18 -8.35 9.41
C PRO A 101 -0.19 -9.02 10.78
N ARG A 102 0.57 -8.49 11.73
N ARG A 102 0.58 -8.50 11.73
CA ARG A 102 0.62 -9.09 13.07
CA ARG A 102 0.62 -9.07 13.06
C ARG A 102 -0.76 -9.09 13.71
C ARG A 102 -0.77 -9.10 13.69
N TYR A 103 -1.55 -8.06 13.41
CA TYR A 103 -2.87 -7.91 14.02
C TYR A 103 -4.01 -7.94 13.01
N ASP A 104 -3.68 -8.00 11.72
CA ASP A 104 -4.64 -7.78 10.64
C ASP A 104 -5.36 -6.44 10.86
N SER A 105 -4.59 -5.40 11.16
CA SER A 105 -5.11 -4.04 11.31
C SER A 105 -5.19 -3.40 9.95
N TRP A 106 -6.25 -2.62 9.71
CA TRP A 106 -6.47 -1.97 8.42
C TRP A 106 -6.73 -0.49 8.59
N GLY A 107 -6.32 0.31 7.62
CA GLY A 107 -6.76 1.69 7.54
C GLY A 107 -8.07 1.80 6.76
N GLN A 108 -8.58 3.02 6.60
CA GLN A 108 -9.82 3.24 5.87
C GLN A 108 -9.61 3.21 4.37
N GLY A 109 -8.35 3.31 3.94
CA GLY A 109 -8.01 3.18 2.54
C GLY A 109 -7.94 4.48 1.74
N THR A 110 -7.31 4.40 0.57
CA THR A 110 -7.30 5.53 -0.36
C THR A 110 -7.62 5.00 -1.76
N GLN A 111 -8.39 5.78 -2.52
CA GLN A 111 -8.92 5.33 -3.80
C GLN A 111 -8.00 5.65 -4.96
N VAL A 112 -7.75 4.65 -5.80
CA VAL A 112 -6.96 4.82 -7.00
C VAL A 112 -7.87 4.53 -8.18
N THR A 113 -7.96 5.47 -9.11
CA THR A 113 -8.76 5.28 -10.30
C THR A 113 -7.89 5.53 -11.53
N VAL A 114 -7.75 4.53 -12.39
CA VAL A 114 -6.96 4.68 -13.60
C VAL A 114 -7.87 4.67 -14.82
N SER A 115 -7.93 5.79 -15.52
CA SER A 115 -8.86 5.96 -16.63
C SER A 115 -8.42 7.07 -17.58
N SER A 116 -8.86 6.98 -18.82
CA SER A 116 -8.58 8.01 -19.81
C SER A 116 -9.56 9.16 -19.69
#